data_1LOF
#
_entry.id   1LOF
#
_cell.length_a   78.300
_cell.length_b   75.400
_cell.length_c   103.900
_cell.angle_alpha   90.00
_cell.angle_beta   92.00
_cell.angle_gamma   90.00
#
_symmetry.space_group_name_H-M   'C 1 2 1'
#
loop_
_entity.id
_entity.type
_entity.pdbx_description
1 polymer 'LEGUME ISOLECTIN I (ALPHA CHAIN)'
2 polymer 'LEGUME ISOLECTIN I (BETA CHAIN)'
3 polymer 'LEGUME ISOLECTIN I (ALPHA CHAIN)'
4 polymer 'LEGUME ISOLECTIN I (BETA CHAIN)'
5 branched beta-D-galactopyranose-(1-4)-2-acetamido-2-deoxy-beta-D-glucopyranose-(1-2)-alpha-D-mannopyranose-(1-3)-[beta-D-galactopyranose-(1-4)-2-acetamido-2-deoxy-beta-D-glucopyranose-(1-2)-alpha-D-mannopyranose-(1-6)]beta-D-mannopyranose-(1-4)-2-acetamido-2-deoxy-beta-D-glucopyranose
6 branched 2-acetamido-2-deoxy-beta-D-glucopyranose-(1-2)-alpha-D-mannopyranose-(1-3)-alpha-D-mannopyranose
7 non-polymer 'CALCIUM ION'
8 non-polymer 'MANGANESE (II) ION'
9 water water
#
loop_
_entity_poly.entity_id
_entity_poly.type
_entity_poly.pdbx_seq_one_letter_code
_entity_poly.pdbx_strand_id
1 'polypeptide(L)'
;TETTSFSITKFGPDQQNLIFQGDGYTTKERLTLTKAVRNTVGRALYSSPIHIWDSKTGNVANFVTSFTFVIDAPNSYNVA
DGFTFFIAPVDTKPQTGGGYLGVFNSKDYDKTSQTVAVEFDTFYNTAWDPSNGDRHIGIDVNSIKSINTKSWALQNGKEA
NVVIAFNAATNVLTVSLTYPN
;
A
2 'polypeptide(L)' ETSYTLNEVVPLKEFVPEWVRIGFSATTGAEFAAHEVLSWYFHSELAGTSSS B
3 'polypeptide(L)'
;TETTSFSITKFGPDQQNLIFQGDGYTTKERLTLTKAVRNTVGRALYSSPIHIWDSKTGNVANFVTSFTFVIDAPNSYNVA
DGFTFFIAPVDTKPQTGGGYLGVFNSKDYDKTSQTVAVEFDTFYNTAWDPSNGDRHIGIDVNSIKSINTKSWKLQNGKEA
NVVIAFNAATNVLTVSLTYPN
;
C
4 'polypeptide(L)' ETSYTLNEVVPLKEFVPEWVRIGFSATTGAEFAAHEVLSWYFHSELAGTSSN D
#
# COMPACT_ATOMS: atom_id res chain seq x y z
N THR A 1 -13.61 7.35 -6.69
CA THR A 1 -12.24 7.02 -7.00
C THR A 1 -11.38 6.56 -5.85
N GLU A 2 -10.61 5.55 -6.20
CA GLU A 2 -9.65 4.93 -5.35
C GLU A 2 -8.58 4.54 -6.29
N THR A 3 -7.34 4.77 -5.89
CA THR A 3 -6.14 4.48 -6.66
C THR A 3 -5.12 3.84 -5.73
N THR A 4 -4.39 2.81 -6.15
CA THR A 4 -3.28 2.23 -5.44
C THR A 4 -2.14 2.11 -6.43
N SER A 5 -0.97 2.65 -6.08
CA SER A 5 0.21 2.53 -6.94
C SER A 5 1.44 2.27 -6.05
N PHE A 6 2.49 1.68 -6.60
CA PHE A 6 3.73 1.54 -5.85
C PHE A 6 4.73 1.09 -6.88
N SER A 7 6.02 1.19 -6.64
CA SER A 7 7.03 0.64 -7.51
C SER A 7 8.22 0.34 -6.62
N ILE A 8 8.88 -0.79 -6.81
CA ILE A 8 10.04 -1.17 -6.05
C ILE A 8 10.96 -1.46 -7.18
N THR A 9 12.00 -0.67 -7.24
CA THR A 9 12.99 -0.87 -8.28
C THR A 9 14.16 -1.80 -7.92
N LYS A 10 14.50 -1.97 -6.67
CA LYS A 10 15.60 -2.79 -6.25
C LYS A 10 15.02 -3.18 -4.92
N PHE A 11 14.90 -4.46 -4.65
CA PHE A 11 14.27 -4.94 -3.45
C PHE A 11 15.31 -4.94 -2.39
N GLY A 12 15.07 -4.79 -1.11
CA GLY A 12 16.20 -4.71 -0.23
C GLY A 12 15.96 -5.51 0.99
N PRO A 13 16.97 -5.73 1.82
CA PRO A 13 16.92 -6.72 2.89
C PRO A 13 15.72 -6.64 3.81
N ASP A 14 15.17 -5.47 4.15
CA ASP A 14 14.00 -5.48 5.00
C ASP A 14 12.95 -4.72 4.21
N GLN A 15 12.33 -5.48 3.31
CA GLN A 15 11.32 -4.96 2.39
C GLN A 15 9.95 -5.12 3.06
N GLN A 16 9.72 -4.30 4.11
CA GLN A 16 8.53 -4.41 4.91
C GLN A 16 7.17 -4.24 4.29
N ASN A 17 7.03 -3.80 3.04
CA ASN A 17 5.72 -3.60 2.47
C ASN A 17 5.28 -4.79 1.58
N LEU A 18 5.91 -5.95 1.70
CA LEU A 18 5.65 -7.13 0.93
C LEU A 18 5.33 -8.19 1.96
N ILE A 19 4.45 -9.15 1.70
CA ILE A 19 4.19 -10.25 2.64
C ILE A 19 4.86 -11.43 1.99
N PHE A 20 5.74 -12.15 2.63
CA PHE A 20 6.51 -13.21 1.99
C PHE A 20 5.87 -14.44 2.53
N GLN A 21 5.73 -15.43 1.66
CA GLN A 21 5.14 -16.74 1.98
C GLN A 21 6.01 -17.81 1.37
N GLY A 22 6.05 -18.96 2.01
CA GLY A 22 6.88 -20.06 1.58
C GLY A 22 8.34 -19.63 1.74
N ASP A 23 9.12 -19.84 0.70
CA ASP A 23 10.55 -19.54 0.64
C ASP A 23 10.88 -18.17 0.02
N GLY A 24 9.92 -17.26 -0.05
CA GLY A 24 10.20 -15.97 -0.61
C GLY A 24 11.00 -15.19 0.41
N TYR A 25 12.01 -14.53 -0.11
CA TYR A 25 12.80 -13.62 0.70
C TYR A 25 13.38 -12.67 -0.31
N THR A 26 13.90 -11.59 0.22
CA THR A 26 14.54 -10.70 -0.65
C THR A 26 16.00 -10.86 -0.30
N THR A 27 16.75 -10.74 -1.38
CA THR A 27 18.19 -10.95 -1.38
C THR A 27 18.92 -10.28 -2.54
N LYS A 28 20.04 -9.58 -2.28
CA LYS A 28 20.95 -9.00 -3.28
C LYS A 28 20.26 -8.16 -4.38
N GLU A 29 19.38 -7.28 -3.86
CA GLU A 29 18.51 -6.42 -4.64
C GLU A 29 17.42 -7.11 -5.46
N ARG A 30 17.11 -8.37 -5.17
CA ARG A 30 16.12 -9.14 -5.88
C ARG A 30 15.11 -9.77 -4.92
N LEU A 31 13.93 -10.05 -5.46
CA LEU A 31 12.96 -10.81 -4.74
C LEU A 31 13.17 -12.23 -5.22
N THR A 32 13.69 -13.12 -4.36
CA THR A 32 13.92 -14.52 -4.72
C THR A 32 12.80 -15.36 -4.10
N LEU A 33 11.94 -15.82 -5.00
CA LEU A 33 10.77 -16.65 -4.68
C LEU A 33 11.10 -18.12 -4.46
N THR A 34 11.98 -18.64 -5.28
CA THR A 34 12.47 -20.01 -5.15
C THR A 34 13.97 -20.01 -5.45
N LYS A 35 14.66 -20.91 -4.73
CA LYS A 35 16.04 -21.22 -5.04
C LYS A 35 16.04 -22.44 -5.93
N ALA A 36 17.09 -22.77 -6.67
CA ALA A 36 17.06 -23.95 -7.53
C ALA A 36 17.31 -25.17 -6.70
N VAL A 37 16.27 -25.51 -5.92
CA VAL A 37 16.19 -26.60 -4.94
C VAL A 37 14.91 -27.32 -5.39
N ARG A 38 14.81 -28.65 -5.30
CA ARG A 38 13.60 -29.27 -5.79
C ARG A 38 12.55 -29.18 -4.75
N ASN A 39 11.34 -29.13 -5.24
CA ASN A 39 10.10 -29.10 -4.52
C ASN A 39 9.88 -28.01 -3.49
N THR A 40 10.16 -26.72 -3.76
CA THR A 40 9.78 -25.65 -2.83
C THR A 40 8.71 -24.74 -3.42
N VAL A 41 8.15 -23.86 -2.60
CA VAL A 41 7.16 -22.87 -2.98
C VAL A 41 7.67 -21.55 -2.43
N GLY A 42 7.54 -20.43 -3.10
CA GLY A 42 7.75 -19.16 -2.50
C GLY A 42 6.74 -18.24 -3.11
N ARG A 43 6.19 -17.31 -2.33
CA ARG A 43 5.21 -16.31 -2.85
C ARG A 43 5.52 -14.99 -2.15
N ALA A 44 5.12 -13.89 -2.77
CA ALA A 44 5.25 -12.57 -2.16
C ALA A 44 4.05 -11.73 -2.54
N LEU A 45 3.46 -11.02 -1.60
CA LEU A 45 2.21 -10.30 -1.88
C LEU A 45 2.36 -8.83 -1.54
N TYR A 46 1.74 -7.86 -2.24
CA TYR A 46 1.81 -6.49 -1.79
C TYR A 46 0.94 -6.38 -0.54
N SER A 47 1.51 -5.72 0.45
CA SER A 47 0.86 -5.49 1.72
C SER A 47 -0.55 -4.90 1.70
N SER A 48 -0.88 -3.86 0.91
CA SER A 48 -2.22 -3.29 1.02
C SER A 48 -3.22 -4.18 0.23
N PRO A 49 -4.42 -4.45 0.74
CA PRO A 49 -5.50 -4.97 -0.10
C PRO A 49 -5.76 -3.97 -1.22
N ILE A 50 -6.08 -4.34 -2.45
CA ILE A 50 -6.51 -3.34 -3.40
C ILE A 50 -8.01 -3.57 -3.80
N HIS A 51 -8.82 -2.52 -4.08
CA HIS A 51 -10.23 -2.64 -4.36
C HIS A 51 -10.29 -2.85 -5.87
N ILE A 52 -10.68 -4.04 -6.34
CA ILE A 52 -10.70 -4.32 -7.75
C ILE A 52 -12.05 -4.09 -8.39
N TRP A 53 -13.16 -4.24 -7.66
CA TRP A 53 -14.45 -3.86 -8.23
C TRP A 53 -15.31 -3.40 -7.08
N ASP A 54 -16.41 -2.72 -7.33
CA ASP A 54 -17.30 -2.23 -6.30
C ASP A 54 -18.70 -2.86 -6.42
N SER A 55 -19.30 -3.50 -5.42
CA SER A 55 -20.66 -4.05 -5.51
C SER A 55 -21.80 -3.03 -5.59
N LYS A 56 -21.66 -1.95 -4.84
CA LYS A 56 -22.65 -0.92 -4.83
C LYS A 56 -22.91 -0.41 -6.24
N THR A 57 -21.80 -0.10 -6.91
CA THR A 57 -21.79 0.41 -8.28
C THR A 57 -21.61 -0.56 -9.44
N GLY A 58 -21.10 -1.79 -9.36
CA GLY A 58 -20.84 -2.58 -10.57
C GLY A 58 -19.54 -2.19 -11.22
N ASN A 59 -18.92 -1.09 -10.83
CA ASN A 59 -17.63 -0.62 -11.36
C ASN A 59 -16.50 -1.57 -11.11
N VAL A 60 -15.77 -1.93 -12.17
CA VAL A 60 -14.54 -2.70 -12.06
C VAL A 60 -13.31 -1.76 -12.29
N ALA A 61 -12.12 -2.05 -11.70
CA ALA A 61 -10.90 -1.27 -11.81
C ALA A 61 -10.16 -1.44 -13.10
N ASN A 62 -9.50 -0.42 -13.57
CA ASN A 62 -8.53 -0.64 -14.64
C ASN A 62 -7.17 -0.77 -13.90
N PHE A 63 -6.22 -1.62 -14.32
CA PHE A 63 -4.92 -1.66 -13.66
C PHE A 63 -3.87 -2.01 -14.71
N VAL A 64 -2.60 -1.80 -14.33
CA VAL A 64 -1.46 -2.14 -15.15
C VAL A 64 -0.37 -2.50 -14.17
N THR A 65 0.43 -3.50 -14.51
CA THR A 65 1.55 -3.85 -13.71
C THR A 65 2.68 -4.27 -14.65
N SER A 66 3.95 -3.96 -14.29
CA SER A 66 5.11 -4.46 -15.01
C SER A 66 6.14 -4.84 -13.99
N PHE A 67 7.02 -5.77 -14.36
CA PHE A 67 8.02 -6.39 -13.47
C PHE A 67 9.04 -7.09 -14.32
N THR A 68 10.28 -7.29 -13.90
CA THR A 68 11.15 -8.01 -14.78
C THR A 68 11.59 -9.17 -13.91
N PHE A 69 11.59 -10.35 -14.49
CA PHE A 69 11.97 -11.48 -13.70
C PHE A 69 13.10 -12.21 -14.43
N VAL A 70 13.77 -13.12 -13.69
CA VAL A 70 14.82 -14.01 -14.18
C VAL A 70 14.47 -15.44 -13.67
N ILE A 71 14.46 -16.42 -14.59
CA ILE A 71 14.35 -17.84 -14.26
C ILE A 71 15.72 -18.36 -14.60
N ASP A 72 16.39 -18.85 -13.57
CA ASP A 72 17.71 -19.39 -13.69
C ASP A 72 17.75 -20.90 -13.40
N ALA A 73 17.72 -21.74 -14.43
CA ALA A 73 17.72 -23.17 -14.25
C ALA A 73 19.09 -23.80 -14.50
N PRO A 74 19.37 -25.00 -13.98
CA PRO A 74 20.62 -25.76 -14.23
C PRO A 74 21.03 -25.98 -15.68
N ASN A 75 20.05 -26.08 -16.55
CA ASN A 75 20.28 -26.18 -17.97
C ASN A 75 18.92 -25.98 -18.61
N SER A 76 18.86 -25.74 -19.91
CA SER A 76 17.61 -25.54 -20.64
C SER A 76 16.60 -26.69 -20.71
N TYR A 77 16.80 -27.88 -20.19
CA TYR A 77 15.85 -28.97 -20.29
C TYR A 77 15.25 -29.35 -18.94
N ASN A 78 16.08 -29.26 -17.89
CA ASN A 78 15.62 -29.52 -16.56
C ASN A 78 15.30 -28.18 -15.92
N VAL A 79 14.09 -27.68 -16.21
CA VAL A 79 13.55 -26.38 -15.73
C VAL A 79 12.15 -26.77 -15.26
N ALA A 80 11.67 -26.24 -14.13
CA ALA A 80 10.30 -26.42 -13.65
C ALA A 80 10.16 -25.62 -12.38
N ASP A 81 9.00 -25.20 -11.88
CA ASP A 81 7.75 -25.35 -12.61
C ASP A 81 7.19 -24.15 -13.37
N GLY A 82 7.54 -23.00 -12.78
CA GLY A 82 7.13 -21.71 -13.30
C GLY A 82 6.91 -20.66 -12.22
N PHE A 83 6.27 -19.64 -12.70
CA PHE A 83 6.11 -18.36 -12.07
C PHE A 83 4.73 -17.87 -12.45
N THR A 84 4.13 -17.05 -11.63
CA THR A 84 2.78 -16.51 -11.76
C THR A 84 2.69 -15.11 -11.15
N PHE A 85 1.92 -14.26 -11.81
CA PHE A 85 1.37 -13.01 -11.26
C PHE A 85 -0.10 -13.40 -11.01
N PHE A 86 -0.57 -13.32 -9.75
CA PHE A 86 -1.91 -13.68 -9.45
C PHE A 86 -2.60 -12.56 -8.67
N ILE A 87 -3.93 -12.69 -8.71
CA ILE A 87 -4.84 -11.79 -8.04
C ILE A 87 -5.68 -12.74 -7.20
N ALA A 88 -5.75 -12.63 -5.88
CA ALA A 88 -6.50 -13.61 -5.11
C ALA A 88 -7.23 -12.98 -3.93
N PRO A 89 -8.08 -13.66 -3.15
CA PRO A 89 -8.62 -13.11 -1.93
C PRO A 89 -7.53 -12.66 -0.93
N VAL A 90 -7.86 -11.64 -0.16
CA VAL A 90 -6.94 -11.00 0.75
C VAL A 90 -6.19 -11.96 1.68
N ASP A 91 -6.82 -13.05 2.14
CA ASP A 91 -6.14 -13.99 3.03
C ASP A 91 -5.50 -15.20 2.32
N THR A 92 -5.18 -15.07 1.05
CA THR A 92 -4.56 -16.15 0.28
C THR A 92 -3.21 -16.60 0.88
N LYS A 93 -3.09 -17.90 1.03
CA LYS A 93 -1.96 -18.59 1.58
C LYS A 93 -1.50 -19.54 0.51
N PRO A 94 -0.31 -20.15 0.48
CA PRO A 94 0.15 -20.99 -0.62
C PRO A 94 -0.78 -22.16 -0.80
N GLN A 95 -1.04 -22.50 -2.08
CA GLN A 95 -1.80 -23.70 -2.42
C GLN A 95 -0.86 -24.83 -2.87
N THR A 96 -1.27 -25.79 -3.72
CA THR A 96 -0.41 -26.90 -4.10
C THR A 96 0.78 -26.43 -4.97
N GLY A 97 1.93 -26.96 -4.60
CA GLY A 97 3.15 -26.73 -5.30
C GLY A 97 3.23 -27.53 -6.58
N GLY A 98 4.48 -27.81 -7.00
CA GLY A 98 4.82 -28.54 -8.20
C GLY A 98 4.20 -27.78 -9.35
N GLY A 99 3.53 -28.53 -10.19
CA GLY A 99 2.93 -27.97 -11.39
C GLY A 99 1.71 -27.08 -11.21
N TYR A 100 1.19 -27.02 -9.96
CA TYR A 100 0.06 -26.19 -9.53
C TYR A 100 0.44 -24.77 -9.14
N LEU A 101 1.76 -24.56 -9.17
CA LEU A 101 2.42 -23.28 -9.04
C LEU A 101 2.01 -22.53 -7.79
N GLY A 102 1.77 -23.21 -6.68
CA GLY A 102 1.39 -22.61 -5.43
C GLY A 102 0.15 -21.71 -5.40
N VAL A 103 -0.68 -21.70 -6.43
CA VAL A 103 -1.87 -20.85 -6.51
C VAL A 103 -3.13 -21.68 -6.62
N PHE A 104 -3.05 -22.87 -7.22
CA PHE A 104 -4.23 -23.70 -7.46
C PHE A 104 -3.96 -25.08 -6.90
N ASN A 105 -5.04 -25.85 -6.92
CA ASN A 105 -5.09 -27.22 -6.38
C ASN A 105 -5.80 -28.17 -7.34
N SER A 106 -6.15 -27.82 -8.58
CA SER A 106 -6.92 -28.70 -9.42
C SER A 106 -6.87 -28.18 -10.84
N LYS A 107 -7.21 -29.07 -11.78
CA LYS A 107 -7.36 -28.79 -13.20
C LYS A 107 -8.83 -28.49 -13.51
N ASP A 108 -9.78 -28.75 -12.64
CA ASP A 108 -11.16 -28.43 -12.97
C ASP A 108 -11.56 -27.15 -12.27
N TYR A 109 -12.46 -26.37 -12.87
CA TYR A 109 -12.89 -25.09 -12.35
C TYR A 109 -13.44 -25.31 -10.98
N ASP A 110 -12.96 -24.49 -10.07
CA ASP A 110 -13.39 -24.47 -8.69
C ASP A 110 -13.72 -23.05 -8.30
N LYS A 111 -14.98 -22.61 -8.38
CA LYS A 111 -15.43 -21.30 -7.95
C LYS A 111 -14.91 -20.81 -6.60
N THR A 112 -14.59 -21.70 -5.67
CA THR A 112 -14.05 -21.37 -4.37
C THR A 112 -12.68 -20.73 -4.42
N SER A 113 -11.95 -20.99 -5.51
CA SER A 113 -10.58 -20.56 -5.72
C SER A 113 -10.52 -19.06 -5.70
N GLN A 114 -11.34 -18.40 -6.51
CA GLN A 114 -11.40 -16.96 -6.62
C GLN A 114 -10.04 -16.38 -7.00
N THR A 115 -9.28 -17.08 -7.85
CA THR A 115 -7.93 -16.68 -8.18
C THR A 115 -7.81 -16.62 -9.70
N VAL A 116 -7.25 -15.55 -10.23
CA VAL A 116 -7.01 -15.32 -11.63
C VAL A 116 -5.48 -15.17 -11.61
N ALA A 117 -4.71 -15.83 -12.45
CA ALA A 117 -3.27 -15.81 -12.37
C ALA A 117 -2.78 -15.85 -13.78
N VAL A 118 -1.70 -15.16 -14.12
CA VAL A 118 -1.09 -15.25 -15.44
C VAL A 118 0.14 -16.04 -15.12
N GLU A 119 0.44 -17.12 -15.79
CA GLU A 119 1.54 -18.00 -15.44
C GLU A 119 2.57 -18.04 -16.56
N PHE A 120 3.81 -18.35 -16.16
CA PHE A 120 4.95 -18.45 -17.08
C PHE A 120 5.34 -19.83 -16.59
N ASP A 121 4.87 -20.81 -17.36
CA ASP A 121 4.95 -22.22 -17.10
C ASP A 121 6.01 -22.92 -17.96
N THR A 122 6.97 -23.47 -17.21
CA THR A 122 8.10 -24.12 -17.80
C THR A 122 8.11 -25.62 -17.80
N PHE A 123 7.02 -26.22 -17.36
CA PHE A 123 6.95 -27.64 -17.28
C PHE A 123 5.51 -28.09 -17.58
N TYR A 124 5.67 -29.00 -18.53
CA TYR A 124 4.61 -29.76 -19.16
C TYR A 124 4.06 -30.83 -18.25
N ASN A 125 2.84 -30.60 -17.79
CA ASN A 125 2.18 -31.50 -16.89
C ASN A 125 1.08 -32.01 -17.79
N THR A 126 1.29 -33.25 -18.22
CA THR A 126 0.48 -33.96 -19.22
C THR A 126 -1.00 -33.99 -18.93
N ALA A 127 -1.32 -34.03 -17.64
CA ALA A 127 -2.71 -33.97 -17.22
C ALA A 127 -3.39 -32.65 -17.57
N TRP A 128 -2.74 -31.46 -17.73
CA TRP A 128 -3.47 -30.22 -18.07
C TRP A 128 -2.78 -29.20 -18.96
N ASP A 129 -1.54 -29.41 -19.39
CA ASP A 129 -0.88 -28.42 -20.20
C ASP A 129 -1.09 -28.72 -21.64
N PRO A 130 -1.04 -27.72 -22.53
CA PRO A 130 -1.21 -27.88 -23.96
C PRO A 130 -0.39 -29.02 -24.57
N SER A 131 -1.07 -29.74 -25.46
CA SER A 131 -0.61 -30.95 -26.14
C SER A 131 0.62 -30.76 -26.98
N ASN A 132 1.03 -29.53 -27.23
CA ASN A 132 2.28 -29.33 -27.93
C ASN A 132 3.45 -29.56 -26.98
N GLY A 133 3.28 -29.44 -25.65
CA GLY A 133 4.33 -29.72 -24.67
C GLY A 133 5.35 -28.60 -24.50
N ASP A 134 4.98 -27.44 -25.02
CA ASP A 134 5.84 -26.27 -24.99
C ASP A 134 5.87 -25.54 -23.66
N ARG A 135 6.87 -24.71 -23.40
CA ARG A 135 6.89 -23.81 -22.26
C ARG A 135 5.84 -22.74 -22.62
N HIS A 136 5.11 -22.05 -21.74
CA HIS A 136 4.06 -21.12 -22.20
C HIS A 136 3.58 -20.08 -21.22
N ILE A 137 2.92 -19.09 -21.78
CA ILE A 137 2.26 -18.07 -20.99
C ILE A 137 0.79 -18.52 -20.96
N GLY A 138 0.02 -18.26 -19.91
CA GLY A 138 -1.35 -18.63 -19.83
C GLY A 138 -2.11 -17.80 -18.79
N ILE A 139 -3.42 -17.81 -18.94
CA ILE A 139 -4.34 -17.13 -18.06
C ILE A 139 -5.15 -18.27 -17.48
N ASP A 140 -5.11 -18.36 -16.16
CA ASP A 140 -5.74 -19.36 -15.36
C ASP A 140 -6.88 -18.70 -14.60
N VAL A 141 -8.15 -19.10 -14.73
CA VAL A 141 -9.19 -18.53 -13.89
C VAL A 141 -9.71 -19.68 -13.07
N ASN A 142 -9.38 -19.77 -11.80
CA ASN A 142 -9.93 -20.74 -10.87
C ASN A 142 -9.60 -22.22 -11.12
N SER A 143 -8.59 -22.51 -11.91
CA SER A 143 -8.20 -23.85 -12.25
C SER A 143 -6.76 -23.70 -12.79
N ILE A 144 -5.87 -24.71 -12.71
CA ILE A 144 -4.55 -24.69 -13.31
C ILE A 144 -4.56 -25.00 -14.81
N LYS A 145 -5.69 -25.45 -15.33
CA LYS A 145 -5.85 -25.67 -16.74
C LYS A 145 -6.20 -24.29 -17.28
N SER A 146 -5.35 -23.68 -18.10
CA SER A 146 -5.46 -22.29 -18.57
C SER A 146 -6.60 -22.11 -19.54
N ILE A 147 -7.37 -21.02 -19.50
CA ILE A 147 -8.42 -20.79 -20.46
C ILE A 147 -7.83 -20.32 -21.79
N ASN A 148 -6.54 -19.94 -21.83
CA ASN A 148 -5.86 -19.60 -23.07
C ASN A 148 -4.39 -19.59 -22.83
N THR A 149 -3.59 -19.97 -23.80
CA THR A 149 -2.15 -20.08 -23.66
C THR A 149 -1.45 -19.68 -24.93
N LYS A 150 -0.23 -19.21 -24.84
CA LYS A 150 0.58 -18.81 -25.96
C LYS A 150 1.90 -19.49 -25.66
N SER A 151 2.53 -20.15 -26.64
CA SER A 151 3.81 -20.84 -26.44
C SER A 151 4.95 -19.86 -26.20
N TRP A 152 5.98 -20.16 -25.41
CA TRP A 152 7.00 -19.17 -25.12
C TRP A 152 8.31 -19.88 -25.06
N ALA A 153 9.37 -19.34 -25.66
CA ALA A 153 10.72 -19.93 -25.55
C ALA A 153 11.46 -19.29 -24.38
N LEU A 154 11.75 -20.10 -23.36
CA LEU A 154 12.43 -19.64 -22.18
C LEU A 154 13.89 -19.32 -22.55
N GLN A 155 14.40 -18.12 -22.23
CA GLN A 155 15.81 -17.84 -22.39
C GLN A 155 16.37 -17.87 -20.97
N ASN A 156 17.02 -18.97 -20.61
CA ASN A 156 17.48 -19.27 -19.27
C ASN A 156 18.47 -18.30 -18.70
N GLY A 157 18.13 -17.62 -17.62
CA GLY A 157 19.03 -16.67 -17.03
C GLY A 157 18.79 -15.25 -17.59
N LYS A 158 18.15 -15.02 -18.77
CA LYS A 158 17.94 -13.67 -19.27
C LYS A 158 16.82 -13.01 -18.49
N GLU A 159 16.78 -11.67 -18.47
CA GLU A 159 15.73 -10.92 -17.80
C GLU A 159 14.64 -10.78 -18.84
N ALA A 160 13.42 -10.87 -18.35
CA ALA A 160 12.27 -10.67 -19.19
C ALA A 160 11.49 -9.57 -18.51
N ASN A 161 10.91 -8.66 -19.28
CA ASN A 161 10.11 -7.58 -18.76
C ASN A 161 8.68 -7.97 -19.15
N VAL A 162 7.75 -7.85 -18.20
CA VAL A 162 6.37 -8.22 -18.46
C VAL A 162 5.46 -7.08 -18.14
N VAL A 163 4.46 -6.79 -18.98
CA VAL A 163 3.42 -5.81 -18.71
C VAL A 163 2.11 -6.60 -18.68
N ILE A 164 1.25 -6.45 -17.71
CA ILE A 164 -0.05 -7.09 -17.68
C ILE A 164 -1.02 -5.91 -17.48
N ALA A 165 -2.07 -5.76 -18.27
CA ALA A 165 -2.97 -4.64 -18.16
C ALA A 165 -4.41 -5.11 -18.13
N PHE A 166 -5.35 -4.49 -17.44
CA PHE A 166 -6.74 -4.92 -17.47
C PHE A 166 -7.50 -3.66 -17.82
N ASN A 167 -8.32 -3.71 -18.87
CA ASN A 167 -9.16 -2.60 -19.33
C ASN A 167 -10.53 -2.94 -18.91
N ALA A 168 -11.07 -2.23 -17.93
CA ALA A 168 -12.36 -2.57 -17.38
C ALA A 168 -13.49 -2.29 -18.34
N ALA A 169 -13.32 -1.41 -19.32
CA ALA A 169 -14.39 -1.12 -20.25
C ALA A 169 -14.69 -2.28 -21.18
N THR A 170 -13.66 -3.05 -21.50
CA THR A 170 -13.79 -4.17 -22.41
C THR A 170 -13.56 -5.50 -21.74
N ASN A 171 -13.08 -5.49 -20.49
CA ASN A 171 -12.73 -6.68 -19.72
C ASN A 171 -11.58 -7.43 -20.34
N VAL A 172 -10.80 -6.81 -21.24
CA VAL A 172 -9.75 -7.59 -21.89
C VAL A 172 -8.57 -7.52 -20.90
N LEU A 173 -7.93 -8.68 -20.65
CA LEU A 173 -6.70 -8.77 -19.89
C LEU A 173 -5.64 -9.09 -20.94
N THR A 174 -4.52 -8.40 -20.92
CA THR A 174 -3.47 -8.48 -21.92
C THR A 174 -2.18 -8.64 -21.18
N VAL A 175 -1.28 -9.47 -21.71
CA VAL A 175 0.03 -9.70 -21.12
C VAL A 175 1.02 -9.72 -22.26
N SER A 176 2.16 -9.07 -22.07
CA SER A 176 3.29 -8.98 -22.99
C SER A 176 4.56 -9.37 -22.26
N LEU A 177 5.31 -10.35 -22.73
CA LEU A 177 6.61 -10.70 -22.19
C LEU A 177 7.59 -10.22 -23.28
N THR A 178 8.63 -9.44 -23.00
CA THR A 178 9.63 -9.12 -23.99
C THR A 178 11.00 -9.42 -23.40
N TYR A 179 11.83 -10.17 -24.11
CA TYR A 179 13.19 -10.44 -23.72
C TYR A 179 13.94 -9.32 -24.41
N PRO A 180 14.66 -8.46 -23.69
CA PRO A 180 15.44 -7.39 -24.31
C PRO A 180 16.61 -7.81 -25.19
N ASN A 181 16.55 -9.06 -25.70
CA ASN A 181 17.43 -9.63 -26.72
C ASN A 181 16.66 -10.95 -27.04
N GLU B 1 14.72 -8.32 -28.30
CA GLU B 1 14.20 -8.64 -29.60
C GLU B 1 12.86 -9.31 -29.29
N THR B 2 12.83 -10.55 -28.80
CA THR B 2 11.65 -11.37 -28.72
C THR B 2 10.50 -10.98 -27.79
N SER B 3 9.29 -10.80 -28.31
CA SER B 3 8.11 -10.52 -27.49
C SER B 3 6.93 -11.49 -27.72
N TYR B 4 6.08 -11.65 -26.70
CA TYR B 4 4.96 -12.56 -26.68
C TYR B 4 3.79 -11.84 -26.07
N THR B 5 2.59 -12.02 -26.57
CA THR B 5 1.41 -11.36 -26.05
C THR B 5 0.24 -12.33 -25.94
N LEU B 6 -0.69 -12.14 -25.00
CA LEU B 6 -1.89 -12.93 -24.84
C LEU B 6 -2.96 -11.95 -24.34
N ASN B 7 -4.15 -12.17 -24.85
CA ASN B 7 -5.34 -11.35 -24.60
C ASN B 7 -6.52 -12.29 -24.44
N GLU B 8 -7.32 -12.00 -23.45
CA GLU B 8 -8.49 -12.80 -23.21
C GLU B 8 -9.50 -11.87 -22.57
N VAL B 9 -10.80 -12.10 -22.66
CA VAL B 9 -11.77 -11.27 -21.98
C VAL B 9 -11.98 -12.02 -20.67
N VAL B 10 -11.63 -11.47 -19.53
CA VAL B 10 -11.78 -12.25 -18.32
C VAL B 10 -12.58 -11.31 -17.47
N PRO B 11 -13.93 -11.34 -17.42
CA PRO B 11 -14.73 -10.59 -16.44
C PRO B 11 -14.37 -10.82 -14.96
N LEU B 12 -13.24 -10.23 -14.52
CA LEU B 12 -12.68 -10.29 -13.18
C LEU B 12 -13.71 -10.29 -12.06
N LYS B 13 -14.68 -9.39 -12.15
CA LYS B 13 -15.76 -9.20 -11.15
C LYS B 13 -16.54 -10.51 -10.88
N GLU B 14 -16.67 -11.38 -11.89
CA GLU B 14 -17.38 -12.65 -11.79
C GLU B 14 -16.55 -13.70 -11.03
N PHE B 15 -15.22 -13.51 -10.93
CA PHE B 15 -14.41 -14.53 -10.31
C PHE B 15 -13.80 -14.12 -8.99
N VAL B 16 -13.36 -12.88 -8.80
CA VAL B 16 -12.57 -12.53 -7.62
C VAL B 16 -13.33 -11.65 -6.63
N PRO B 17 -13.10 -11.64 -5.32
CA PRO B 17 -13.75 -10.69 -4.40
C PRO B 17 -13.46 -9.21 -4.69
N GLU B 18 -14.29 -8.28 -4.22
CA GLU B 18 -14.11 -6.83 -4.38
C GLU B 18 -12.73 -6.32 -3.93
N TRP B 19 -12.17 -6.85 -2.84
CA TRP B 19 -10.86 -6.53 -2.34
C TRP B 19 -10.07 -7.82 -2.57
N VAL B 20 -8.81 -7.65 -2.96
CA VAL B 20 -7.96 -8.77 -3.36
C VAL B 20 -6.55 -8.48 -2.85
N ARG B 21 -5.66 -9.45 -2.86
CA ARG B 21 -4.25 -9.19 -2.65
C ARG B 21 -3.59 -9.66 -3.95
N ILE B 22 -2.57 -8.96 -4.42
CA ILE B 22 -1.87 -9.36 -5.64
C ILE B 22 -0.44 -9.76 -5.38
N GLY B 23 0.27 -10.51 -6.19
CA GLY B 23 1.66 -10.84 -5.90
C GLY B 23 2.18 -11.90 -6.85
N PHE B 24 3.27 -12.54 -6.43
CA PHE B 24 3.93 -13.55 -7.27
C PHE B 24 4.02 -14.93 -6.61
N SER B 25 3.90 -16.05 -7.32
CA SER B 25 4.19 -17.34 -6.73
C SER B 25 5.18 -18.06 -7.64
N ALA B 26 6.05 -18.96 -7.16
CA ALA B 26 6.88 -19.80 -7.99
C ALA B 26 7.10 -21.07 -7.23
N THR B 27 7.16 -22.17 -7.94
CA THR B 27 7.41 -23.49 -7.37
C THR B 27 8.44 -24.28 -8.15
N THR B 28 8.96 -25.31 -7.53
CA THR B 28 9.81 -26.29 -8.20
C THR B 28 9.20 -27.64 -7.76
N GLY B 29 9.42 -28.75 -8.51
CA GLY B 29 8.95 -30.07 -8.10
C GLY B 29 10.10 -31.06 -8.03
N ALA B 30 10.13 -31.95 -9.02
CA ALA B 30 11.20 -32.94 -9.22
C ALA B 30 12.29 -32.20 -9.96
N GLU B 31 11.91 -31.21 -10.74
CA GLU B 31 12.85 -30.34 -11.35
C GLU B 31 12.76 -28.94 -10.73
N PHE B 32 13.72 -28.05 -11.01
CA PHE B 32 13.87 -26.78 -10.31
C PHE B 32 14.55 -25.71 -11.17
N ALA B 33 14.61 -24.51 -10.64
CA ALA B 33 15.18 -23.34 -11.26
C ALA B 33 14.96 -22.26 -10.22
N ALA B 34 15.78 -21.18 -10.20
CA ALA B 34 15.56 -20.04 -9.33
C ALA B 34 14.65 -19.11 -10.12
N HIS B 35 13.68 -18.50 -9.43
CA HIS B 35 12.72 -17.56 -10.05
C HIS B 35 12.91 -16.30 -9.25
N GLU B 36 13.32 -15.20 -9.82
CA GLU B 36 13.62 -14.01 -9.06
C GLU B 36 13.01 -12.85 -9.76
N VAL B 37 12.51 -11.86 -9.03
CA VAL B 37 11.92 -10.66 -9.61
C VAL B 37 12.89 -9.50 -9.24
N LEU B 38 13.25 -8.72 -10.24
CA LEU B 38 14.15 -7.58 -10.18
C LEU B 38 13.45 -6.23 -9.90
N SER B 39 12.25 -5.92 -10.40
CA SER B 39 11.54 -4.70 -10.03
C SER B 39 10.05 -4.92 -10.20
N TRP B 40 9.13 -4.09 -9.71
CA TRP B 40 7.71 -4.28 -9.86
C TRP B 40 7.07 -2.93 -9.75
N TYR B 41 6.13 -2.69 -10.62
CA TYR B 41 5.36 -1.50 -10.67
C TYR B 41 3.91 -1.97 -10.73
N PHE B 42 3.00 -1.23 -10.07
CA PHE B 42 1.56 -1.49 -10.12
C PHE B 42 0.83 -0.21 -9.95
N HIS B 43 -0.25 -0.02 -10.65
CA HIS B 43 -1.17 1.08 -10.43
C HIS B 43 -2.60 0.59 -10.78
N SER B 44 -3.66 0.88 -10.03
CA SER B 44 -5.06 0.54 -10.35
C SER B 44 -5.91 1.73 -10.04
N GLU B 45 -7.09 1.85 -10.62
CA GLU B 45 -7.99 2.93 -10.27
C GLU B 45 -9.41 2.44 -10.52
N LEU B 46 -10.23 2.66 -9.49
CA LEU B 46 -11.64 2.27 -9.45
C LEU B 46 -12.31 3.59 -9.32
N ALA B 47 -13.11 3.88 -10.34
CA ALA B 47 -13.97 5.04 -10.36
C ALA B 47 -15.00 4.98 -9.22
N THR C 1 14.84 3.35 -6.14
CA THR C 1 13.57 4.04 -6.02
C THR C 1 12.53 3.09 -5.45
N GLU C 2 11.66 3.67 -4.68
CA GLU C 2 10.57 3.01 -4.07
C GLU C 2 9.46 4.05 -4.07
N THR C 3 8.25 3.86 -4.59
CA THR C 3 7.22 4.87 -4.40
C THR C 3 6.02 4.15 -3.81
N THR C 4 5.12 4.86 -3.14
CA THR C 4 3.89 4.34 -2.57
C THR C 4 2.86 5.44 -2.78
N SER C 5 1.72 5.17 -3.38
CA SER C 5 0.69 6.17 -3.54
C SER C 5 -0.69 5.54 -3.39
N PHE C 6 -1.61 6.38 -2.98
CA PHE C 6 -3.02 6.00 -3.05
C PHE C 6 -3.87 7.27 -3.02
N SER C 7 -5.11 7.18 -3.46
CA SER C 7 -6.11 8.21 -3.19
C SER C 7 -7.45 7.51 -2.95
N ILE C 8 -8.18 8.05 -2.00
CA ILE C 8 -9.50 7.64 -1.65
C ILE C 8 -10.30 8.92 -1.65
N THR C 9 -11.08 9.11 -2.68
CA THR C 9 -12.01 10.22 -2.79
C THR C 9 -13.27 10.02 -1.94
N LYS C 10 -13.76 8.81 -1.61
CA LYS C 10 -14.97 8.68 -0.84
C LYS C 10 -14.74 7.38 -0.15
N PHE C 11 -14.87 7.37 1.17
CA PHE C 11 -14.63 6.18 1.94
C PHE C 11 -15.80 5.23 1.94
N GLY C 12 -15.66 3.99 1.47
CA GLY C 12 -16.76 3.03 1.51
C GLY C 12 -16.91 2.42 2.89
N PRO C 13 -17.92 1.63 3.18
CA PRO C 13 -18.12 0.97 4.46
C PRO C 13 -17.15 -0.10 4.74
N ASP C 14 -16.52 -0.68 3.74
CA ASP C 14 -15.55 -1.73 3.93
C ASP C 14 -14.22 -1.23 3.38
N GLN C 15 -13.50 -0.38 4.12
CA GLN C 15 -12.31 0.26 3.57
C GLN C 15 -11.12 -0.56 4.04
N GLN C 16 -10.92 -1.66 3.33
CA GLN C 16 -9.90 -2.64 3.73
C GLN C 16 -8.47 -2.25 3.65
N ASN C 17 -8.08 -1.24 2.85
CA ASN C 17 -6.70 -0.80 2.82
C ASN C 17 -6.40 0.13 4.02
N LEU C 18 -7.33 0.43 4.97
CA LEU C 18 -6.95 1.23 6.10
C LEU C 18 -7.03 0.33 7.31
N ILE C 19 -6.20 0.56 8.32
CA ILE C 19 -6.27 -0.16 9.59
C ILE C 19 -7.06 0.77 10.55
N PHE C 20 -8.09 0.33 11.25
CA PHE C 20 -8.87 1.21 12.10
C PHE C 20 -8.48 0.90 13.53
N GLN C 21 -8.49 1.91 14.42
CA GLN C 21 -8.07 1.75 15.78
C GLN C 21 -8.94 2.68 16.61
N GLY C 22 -9.16 2.34 17.90
CA GLY C 22 -10.08 3.08 18.72
C GLY C 22 -11.46 3.00 18.05
N ASP C 23 -12.17 4.13 18.02
CA ASP C 23 -13.50 4.24 17.45
C ASP C 23 -13.58 4.58 15.95
N GLY C 24 -12.49 4.55 15.19
CA GLY C 24 -12.54 4.96 13.79
C GLY C 24 -13.30 3.93 12.96
N TYR C 25 -14.02 4.40 11.95
CA TYR C 25 -14.78 3.55 11.05
C TYR C 25 -15.26 4.41 9.89
N THR C 26 -15.87 3.88 8.84
CA THR C 26 -16.35 4.73 7.77
C THR C 26 -17.88 4.70 7.74
N THR C 27 -18.50 5.86 7.57
CA THR C 27 -19.94 6.06 7.61
C THR C 27 -20.25 7.11 6.59
N LYS C 28 -21.12 6.75 5.67
CA LYS C 28 -21.64 7.64 4.64
C LYS C 28 -20.51 8.41 3.93
N GLU C 29 -19.66 7.57 3.33
CA GLU C 29 -18.51 8.01 2.59
C GLU C 29 -17.46 8.80 3.32
N ARG C 30 -17.60 9.03 4.60
CA ARG C 30 -16.61 9.78 5.39
C ARG C 30 -15.88 8.80 6.30
N LEU C 31 -14.67 9.17 6.68
CA LEU C 31 -13.98 8.38 7.67
C LEU C 31 -14.31 9.12 8.95
N THR C 32 -14.90 8.45 9.93
CA THR C 32 -15.19 9.06 11.21
C THR C 32 -14.18 8.63 12.24
N LEU C 33 -13.45 9.61 12.74
CA LEU C 33 -12.45 9.35 13.73
C LEU C 33 -13.04 9.41 15.14
N THR C 34 -13.79 10.44 15.50
CA THR C 34 -14.45 10.46 16.81
C THR C 34 -15.87 10.86 16.50
N LYS C 35 -16.85 10.74 17.36
CA LYS C 35 -18.18 11.26 17.07
C LYS C 35 -18.27 12.39 18.09
N ALA C 36 -19.28 13.28 18.01
CA ALA C 36 -19.39 14.33 19.02
C ALA C 36 -19.86 13.71 20.35
N VAL C 37 -18.84 13.08 20.98
CA VAL C 37 -19.00 12.26 22.17
C VAL C 37 -17.75 12.42 23.00
N ARG C 38 -17.93 12.31 24.29
CA ARG C 38 -16.92 12.58 25.28
C ARG C 38 -15.84 11.46 25.42
N ASN C 39 -14.58 11.85 25.64
CA ASN C 39 -13.45 10.95 25.83
C ASN C 39 -13.06 9.80 24.86
N THR C 40 -13.35 9.78 23.54
CA THR C 40 -12.98 8.68 22.66
C THR C 40 -11.69 8.95 21.99
N VAL C 41 -11.22 8.00 21.18
CA VAL C 41 -10.05 8.19 20.37
C VAL C 41 -10.30 7.42 19.08
N GLY C 42 -10.00 7.92 17.91
CA GLY C 42 -10.14 7.13 16.71
C GLY C 42 -8.84 7.26 15.94
N ARG C 43 -8.28 6.23 15.32
CA ARG C 43 -7.15 6.41 14.44
C ARG C 43 -7.43 5.60 13.19
N ALA C 44 -6.86 6.00 12.05
CA ALA C 44 -6.94 5.19 10.84
C ALA C 44 -5.53 5.25 10.23
N LEU C 45 -4.91 4.10 9.90
CA LEU C 45 -3.56 4.08 9.36
C LEU C 45 -3.57 3.48 8.00
N TYR C 46 -2.79 3.94 7.03
CA TYR C 46 -2.78 3.28 5.76
C TYR C 46 -2.10 1.90 6.00
N SER C 47 -2.62 0.84 5.37
CA SER C 47 -2.11 -0.53 5.54
C SER C 47 -0.68 -0.83 5.13
N SER C 48 -0.09 -0.28 4.10
CA SER C 48 1.29 -0.57 3.84
C SER C 48 2.22 0.25 4.73
N PRO C 49 3.38 -0.26 5.17
CA PRO C 49 4.52 0.53 5.63
C PRO C 49 5.00 1.34 4.48
N ILE C 50 5.73 2.38 4.79
CA ILE C 50 6.22 3.32 3.80
C ILE C 50 7.66 3.42 4.10
N HIS C 51 8.48 3.24 3.09
CA HIS C 51 9.93 3.37 3.27
C HIS C 51 10.27 4.86 3.23
N ILE C 52 10.43 5.43 4.41
CA ILE C 52 10.57 6.84 4.41
C ILE C 52 12.08 7.09 4.40
N TRP C 53 12.99 6.39 5.05
CA TRP C 53 14.38 6.68 4.79
C TRP C 53 15.18 5.41 4.76
N ASP C 54 16.39 5.49 4.28
CA ASP C 54 17.17 4.29 4.11
C ASP C 54 18.46 4.45 4.85
N SER C 55 18.84 3.55 5.75
CA SER C 55 20.09 3.71 6.46
C SER C 55 21.28 3.31 5.62
N LYS C 56 21.08 2.47 4.58
CA LYS C 56 22.23 2.16 3.73
C LYS C 56 22.70 3.36 2.92
N THR C 57 21.87 4.05 2.15
CA THR C 57 22.31 5.21 1.43
C THR C 57 22.25 6.47 2.25
N GLY C 58 21.45 6.49 3.30
CA GLY C 58 21.22 7.69 4.07
C GLY C 58 20.14 8.55 3.41
N ASN C 59 19.61 8.17 2.24
CA ASN C 59 18.59 8.96 1.54
C ASN C 59 17.29 9.03 2.35
N VAL C 60 16.55 10.15 2.26
CA VAL C 60 15.26 10.34 2.90
C VAL C 60 14.32 10.59 1.74
N ALA C 61 13.04 10.35 1.95
CA ALA C 61 12.01 10.53 0.94
C ALA C 61 11.29 11.87 0.93
N ASN C 62 10.84 12.23 -0.24
CA ASN C 62 10.01 13.39 -0.44
C ASN C 62 8.55 12.96 -0.30
N PHE C 63 7.54 13.64 0.28
CA PHE C 63 6.18 13.13 0.16
C PHE C 63 5.21 14.24 0.21
N VAL C 64 4.03 14.04 -0.38
CA VAL C 64 2.90 14.97 -0.27
C VAL C 64 1.68 14.15 0.17
N THR C 65 0.84 14.73 1.01
CA THR C 65 -0.43 14.14 1.33
C THR C 65 -1.40 15.35 1.32
N SER C 66 -2.65 15.10 0.96
CA SER C 66 -3.65 16.09 1.07
C SER C 66 -4.90 15.35 1.46
N PHE C 67 -5.71 16.03 2.26
CA PHE C 67 -6.96 15.50 2.73
C PHE C 67 -7.94 16.68 3.00
N THR C 68 -9.27 16.36 3.01
CA THR C 68 -10.30 17.31 3.39
C THR C 68 -10.85 16.76 4.65
N PHE C 69 -11.09 17.57 5.63
CA PHE C 69 -11.59 17.05 6.87
C PHE C 69 -12.61 18.10 7.41
N VAL C 70 -13.36 17.73 8.44
CA VAL C 70 -14.37 18.57 9.04
C VAL C 70 -14.31 18.31 10.52
N ILE C 71 -14.44 19.39 11.29
CA ILE C 71 -14.60 19.30 12.72
C ILE C 71 -15.99 19.84 12.86
N ASP C 72 -16.76 19.24 13.75
CA ASP C 72 -18.15 19.62 13.94
C ASP C 72 -18.40 19.58 15.44
N ALA C 73 -18.27 20.74 16.03
CA ALA C 73 -18.38 20.94 17.47
C ALA C 73 -19.84 21.23 17.70
N PRO C 74 -20.37 20.94 18.89
CA PRO C 74 -21.61 21.52 19.38
C PRO C 74 -21.85 23.02 19.13
N ASN C 75 -20.79 23.82 19.22
CA ASN C 75 -20.81 25.24 18.95
C ASN C 75 -19.35 25.65 18.91
N SER C 76 -18.96 26.85 18.46
CA SER C 76 -17.57 27.30 18.39
C SER C 76 -16.79 27.50 19.69
N TYR C 77 -17.27 27.16 20.87
CA TYR C 77 -16.55 27.41 22.11
C TYR C 77 -16.08 26.12 22.76
N ASN C 78 -17.04 25.22 22.80
CA ASN C 78 -16.87 23.94 23.44
C ASN C 78 -16.47 22.95 22.40
N VAL C 79 -15.17 22.98 22.17
CA VAL C 79 -14.55 22.22 21.10
C VAL C 79 -13.28 21.72 21.78
N ALA C 80 -12.93 20.46 21.52
CA ALA C 80 -11.74 19.76 21.99
C ALA C 80 -11.69 18.40 21.33
N ASP C 81 -10.64 17.61 21.18
CA ASP C 81 -9.30 18.10 21.33
C ASP C 81 -8.51 18.52 20.10
N GLY C 82 -8.86 17.95 18.95
CA GLY C 82 -8.22 18.27 17.70
C GLY C 82 -8.06 17.03 16.85
N PHE C 83 -7.23 17.11 15.83
CA PHE C 83 -7.00 16.06 14.84
C PHE C 83 -5.49 16.04 14.46
N THR C 84 -4.96 14.94 13.95
CA THR C 84 -3.53 14.77 13.71
C THR C 84 -3.29 14.00 12.46
N PHE C 85 -2.26 14.37 11.73
CA PHE C 85 -1.75 13.52 10.67
C PHE C 85 -0.39 13.05 11.28
N PHE C 86 0.01 11.77 11.35
CA PHE C 86 1.26 11.38 11.97
C PHE C 86 1.97 10.32 11.15
N ILE C 87 3.26 10.14 11.46
CA ILE C 87 4.20 9.21 10.87
C ILE C 87 4.75 8.57 12.12
N ALA C 88 4.67 7.27 12.19
CA ALA C 88 4.99 6.56 13.39
C ALA C 88 5.64 5.21 13.05
N PRO C 89 6.21 4.42 13.98
CA PRO C 89 6.71 3.09 13.65
C PRO C 89 5.54 2.24 13.13
N VAL C 90 5.82 1.21 12.35
CA VAL C 90 4.84 0.32 11.75
C VAL C 90 3.89 -0.33 12.75
N ASP C 91 4.35 -0.56 13.96
CA ASP C 91 3.53 -1.11 15.04
C ASP C 91 2.81 -0.07 15.90
N THR C 92 2.60 1.15 15.44
CA THR C 92 1.96 2.18 16.26
C THR C 92 0.56 1.81 16.75
N LYS C 93 0.40 2.13 18.02
CA LYS C 93 -0.83 1.87 18.75
C LYS C 93 -1.34 3.18 19.28
N PRO C 94 -2.60 3.43 19.59
CA PRO C 94 -3.08 4.63 20.24
C PRO C 94 -2.29 4.97 21.49
N GLN C 95 -1.93 6.23 21.68
CA GLN C 95 -1.23 6.59 22.92
C GLN C 95 -2.24 7.27 23.83
N THR C 96 -1.94 8.25 24.64
CA THR C 96 -2.93 8.84 25.56
C THR C 96 -3.90 9.71 24.80
N GLY C 97 -5.13 9.69 25.21
CA GLY C 97 -6.16 10.53 24.64
C GLY C 97 -6.11 11.95 25.19
N GLY C 98 -7.30 12.56 25.20
CA GLY C 98 -7.48 13.98 25.52
C GLY C 98 -6.59 14.86 24.68
N GLY C 99 -5.97 15.85 25.37
CA GLY C 99 -5.05 16.79 24.78
C GLY C 99 -3.79 16.16 24.20
N TYR C 100 -3.54 14.84 24.38
CA TYR C 100 -2.37 14.20 23.75
C TYR C 100 -2.70 13.63 22.38
N LEU C 101 -3.94 13.78 21.94
CA LEU C 101 -4.40 13.48 20.59
C LEU C 101 -4.17 12.05 20.10
N GLY C 102 -4.17 11.19 21.12
CA GLY C 102 -4.05 9.78 20.90
C GLY C 102 -2.72 9.42 20.26
N VAL C 103 -1.74 10.30 20.40
CA VAL C 103 -0.54 10.04 19.67
C VAL C 103 0.69 10.26 20.55
N PHE C 104 0.65 11.04 21.65
CA PHE C 104 1.85 11.21 22.49
C PHE C 104 1.36 10.93 23.88
N ASN C 105 2.27 10.89 24.83
CA ASN C 105 1.90 10.63 26.20
C ASN C 105 2.57 11.61 27.11
N SER C 106 3.51 12.39 26.59
CA SER C 106 4.24 13.33 27.37
C SER C 106 4.37 14.65 26.62
N LYS C 107 4.44 15.64 27.51
CA LYS C 107 4.79 17.01 27.15
C LYS C 107 6.29 17.03 26.89
N ASP C 108 7.04 16.16 27.55
CA ASP C 108 8.48 16.09 27.45
C ASP C 108 8.87 15.21 26.29
N TYR C 109 9.95 15.63 25.64
CA TYR C 109 10.54 14.89 24.54
C TYR C 109 10.86 13.46 24.95
N ASP C 110 10.31 12.54 24.19
CA ASP C 110 10.59 11.15 24.37
C ASP C 110 11.13 10.61 23.06
N LYS C 111 12.39 10.23 22.97
CA LYS C 111 12.92 9.73 21.71
C LYS C 111 12.38 8.35 21.38
N THR C 112 11.86 7.61 22.35
CA THR C 112 11.33 6.32 22.04
C THR C 112 9.98 6.36 21.35
N SER C 113 9.19 7.45 21.40
CA SER C 113 7.93 7.53 20.66
C SER C 113 8.10 7.44 19.15
N GLN C 114 9.13 8.09 18.63
CA GLN C 114 9.46 8.08 17.21
C GLN C 114 8.35 8.39 16.22
N THR C 115 7.64 9.42 16.64
CA THR C 115 6.53 9.92 15.88
C THR C 115 6.71 11.41 15.61
N VAL C 116 6.44 11.84 14.40
CA VAL C 116 6.33 13.25 14.23
C VAL C 116 4.83 13.42 13.84
N ALA C 117 4.16 14.50 14.28
CA ALA C 117 2.76 14.68 13.97
C ALA C 117 2.45 16.11 13.57
N VAL C 118 1.48 16.33 12.68
CA VAL C 118 1.05 17.68 12.34
C VAL C 118 -0.35 17.73 12.94
N GLU C 119 -0.62 18.64 13.87
CA GLU C 119 -1.85 18.66 14.62
C GLU C 119 -2.60 19.88 14.34
N PHE C 120 -3.88 19.80 14.62
CA PHE C 120 -4.81 20.89 14.36
C PHE C 120 -5.62 20.84 15.61
N ASP C 121 -5.06 21.59 16.51
CA ASP C 121 -5.45 21.56 17.91
C ASP C 121 -6.55 22.58 18.23
N THR C 122 -7.68 22.09 18.70
CA THR C 122 -8.77 22.99 18.99
C THR C 122 -8.96 23.21 20.48
N PHE C 123 -8.11 22.69 21.36
CA PHE C 123 -8.24 22.96 22.78
C PHE C 123 -6.82 23.22 23.34
N TYR C 124 -6.93 24.29 24.12
CA TYR C 124 -5.82 24.90 24.83
C TYR C 124 -5.59 24.16 26.15
N ASN C 125 -4.36 23.65 26.32
CA ASN C 125 -4.02 22.86 27.49
C ASN C 125 -2.89 23.71 28.03
N THR C 126 -3.09 24.31 29.21
CA THR C 126 -2.14 25.24 29.82
C THR C 126 -0.69 24.79 29.87
N ALA C 127 -0.53 23.49 30.14
CA ALA C 127 0.76 22.94 30.33
C ALA C 127 1.62 22.86 29.12
N TRP C 128 1.12 22.92 27.87
CA TRP C 128 2.04 22.86 26.73
C TRP C 128 1.66 23.64 25.50
N ASP C 129 0.49 24.26 25.57
CA ASP C 129 -0.04 24.99 24.41
C ASP C 129 0.26 26.50 24.44
N PRO C 130 0.33 27.17 23.26
CA PRO C 130 0.38 28.59 23.07
C PRO C 130 -0.44 29.34 24.06
N SER C 131 0.30 30.16 24.80
CA SER C 131 -0.27 30.92 25.88
C SER C 131 -1.35 31.85 25.42
N ASN C 132 -1.29 32.30 24.14
CA ASN C 132 -2.34 33.15 23.61
C ASN C 132 -3.70 32.48 23.57
N GLY C 133 -3.77 31.17 23.81
CA GLY C 133 -4.99 30.40 23.93
C GLY C 133 -5.56 30.01 22.60
N ASP C 134 -4.99 30.51 21.50
CA ASP C 134 -5.52 30.28 20.17
C ASP C 134 -5.57 28.78 19.82
N ARG C 135 -6.56 28.44 18.98
CA ARG C 135 -6.54 27.14 18.32
C ARG C 135 -5.35 27.23 17.36
N HIS C 136 -4.75 26.14 16.87
CA HIS C 136 -3.52 26.29 16.12
C HIS C 136 -3.13 25.05 15.45
N ILE C 137 -2.33 25.19 14.44
CA ILE C 137 -1.69 24.09 13.75
C ILE C 137 -0.30 24.00 14.40
N GLY C 138 0.20 22.79 14.67
CA GLY C 138 1.52 22.68 15.27
C GLY C 138 2.31 21.54 14.62
N ILE C 139 3.66 21.55 14.81
CA ILE C 139 4.49 20.45 14.33
C ILE C 139 5.15 19.87 15.55
N ASP C 140 4.79 18.64 15.89
CA ASP C 140 5.18 17.94 17.12
C ASP C 140 6.22 16.88 16.86
N VAL C 141 7.44 16.87 17.42
CA VAL C 141 8.29 15.70 17.23
C VAL C 141 8.53 15.17 18.64
N ASN C 142 8.06 13.95 18.84
CA ASN C 142 8.18 13.20 20.08
C ASN C 142 7.63 13.81 21.37
N SER C 143 6.79 14.83 21.30
CA SER C 143 6.13 15.34 22.50
C SER C 143 4.88 16.00 22.01
N ILE C 144 3.92 16.34 22.88
CA ILE C 144 2.72 17.05 22.43
C ILE C 144 2.85 18.60 22.36
N LYS C 145 4.02 19.09 22.82
CA LYS C 145 4.38 20.50 22.85
C LYS C 145 5.11 20.64 21.55
N SER C 146 4.47 21.32 20.62
CA SER C 146 4.92 21.54 19.27
C SER C 146 6.21 22.33 19.19
N ILE C 147 7.05 22.11 18.18
CA ILE C 147 8.28 22.88 18.00
C ILE C 147 7.95 24.15 17.26
N ASN C 148 6.75 24.19 16.69
CA ASN C 148 6.29 25.37 15.99
C ASN C 148 4.80 25.31 15.84
N THR C 149 4.19 26.50 15.99
CA THR C 149 2.76 26.74 16.03
C THR C 149 2.35 27.82 15.04
N LYS C 150 1.10 27.81 14.65
CA LYS C 150 0.54 28.88 13.88
C LYS C 150 -0.89 29.03 14.36
N SER C 151 -1.42 30.18 14.81
CA SER C 151 -2.85 30.34 15.10
C SER C 151 -3.73 30.15 13.86
N TRP C 152 -4.95 29.67 14.11
CA TRP C 152 -5.88 29.23 13.06
C TRP C 152 -7.28 29.39 13.66
N LYS C 153 -8.17 30.03 12.93
CA LYS C 153 -9.53 30.24 13.38
C LYS C 153 -10.40 29.11 12.81
N LEU C 154 -10.96 28.29 13.71
CA LEU C 154 -11.83 27.17 13.34
C LEU C 154 -13.14 27.62 12.76
N GLN C 155 -13.46 27.17 11.58
CA GLN C 155 -14.80 27.42 11.07
C GLN C 155 -15.57 26.09 11.20
N ASN C 156 -16.38 26.07 12.26
CA ASN C 156 -17.15 24.91 12.67
C ASN C 156 -18.02 24.35 11.56
N GLY C 157 -17.98 23.05 11.35
CA GLY C 157 -18.78 22.45 10.33
C GLY C 157 -18.30 22.70 8.91
N LYS C 158 -17.16 23.40 8.71
CA LYS C 158 -16.63 23.63 7.37
C LYS C 158 -15.47 22.70 6.96
N GLU C 159 -15.47 22.34 5.69
CA GLU C 159 -14.45 21.52 5.05
C GLU C 159 -13.14 22.31 4.92
N ALA C 160 -12.06 21.76 5.44
CA ALA C 160 -10.81 22.40 5.29
C ALA C 160 -10.04 21.48 4.40
N ASN C 161 -9.17 22.03 3.56
CA ASN C 161 -8.35 21.20 2.72
C ASN C 161 -6.92 21.28 3.18
N VAL C 162 -6.17 20.27 3.54
CA VAL C 162 -4.80 20.54 3.90
C VAL C 162 -3.88 19.78 3.01
N VAL C 163 -2.69 20.34 2.80
CA VAL C 163 -1.60 19.78 2.00
C VAL C 163 -0.45 19.69 2.97
N ILE C 164 0.27 18.57 3.08
CA ILE C 164 1.41 18.51 3.96
C ILE C 164 2.46 18.00 3.04
N ALA C 165 3.58 18.69 2.88
CA ALA C 165 4.62 18.25 1.95
C ALA C 165 5.98 18.17 2.63
N PHE C 166 6.85 17.20 2.34
CA PHE C 166 8.12 17.18 3.00
C PHE C 166 9.11 17.14 1.87
N ASN C 167 10.10 18.05 1.95
CA ASN C 167 11.19 18.15 1.00
C ASN C 167 12.47 17.64 1.62
N ALA C 168 12.91 16.46 1.14
CA ALA C 168 14.03 15.74 1.69
C ALA C 168 15.27 16.56 1.49
N ALA C 169 15.44 17.23 0.33
CA ALA C 169 16.61 18.06 0.07
C ALA C 169 16.78 19.16 1.13
N THR C 170 15.73 19.86 1.57
CA THR C 170 15.94 20.88 2.57
C THR C 170 15.50 20.50 3.97
N ASN C 171 14.89 19.33 4.08
CA ASN C 171 14.22 18.80 5.25
C ASN C 171 13.13 19.72 5.77
N VAL C 172 12.46 20.42 4.86
CA VAL C 172 11.42 21.33 5.28
C VAL C 172 10.09 20.64 5.16
N LEU C 173 9.29 20.71 6.25
CA LEU C 173 7.89 20.25 6.32
C LEU C 173 6.96 21.47 6.14
N THR C 174 6.09 21.47 5.13
CA THR C 174 5.15 22.54 4.88
C THR C 174 3.72 22.04 5.13
N VAL C 175 2.87 22.84 5.77
CA VAL C 175 1.50 22.50 6.09
C VAL C 175 0.67 23.65 5.52
N SER C 176 -0.42 23.47 4.77
CA SER C 176 -1.27 24.57 4.37
C SER C 176 -2.68 24.15 4.66
N LEU C 177 -3.44 24.98 5.39
CA LEU C 177 -4.84 24.73 5.62
C LEU C 177 -5.59 25.88 4.93
N THR C 178 -6.53 25.58 4.03
CA THR C 178 -7.33 26.59 3.42
C THR C 178 -8.80 26.15 3.45
N TYR C 179 -9.63 27.09 3.90
CA TYR C 179 -11.07 27.01 3.92
C TYR C 179 -11.57 27.65 2.64
N PRO C 180 -12.48 27.12 1.84
CA PRO C 180 -12.87 27.70 0.56
C PRO C 180 -13.69 28.99 0.65
N GLU D 1 -12.29 32.01 0.78
CA GLU D 1 -10.93 31.51 0.70
C GLU D 1 -9.97 32.04 1.73
N THR D 2 -9.66 31.32 2.82
CA THR D 2 -8.68 31.74 3.80
C THR D 2 -7.75 30.58 4.16
N SER D 3 -6.47 30.93 4.13
CA SER D 3 -5.36 30.00 4.28
C SER D 3 -4.36 30.28 5.41
N TYR D 4 -3.72 29.25 5.89
CA TYR D 4 -2.75 29.29 6.91
C TYR D 4 -1.67 28.36 6.42
N THR D 5 -0.40 28.75 6.52
CA THR D 5 0.70 27.90 6.09
C THR D 5 1.75 27.87 7.17
N LEU D 6 2.50 26.83 7.38
CA LEU D 6 3.48 26.77 8.42
C LEU D 6 4.60 25.96 7.77
N ASN D 7 5.89 26.21 8.09
CA ASN D 7 7.07 25.54 7.54
C ASN D 7 7.96 25.30 8.70
N GLU D 8 8.73 24.24 8.70
CA GLU D 8 9.62 23.96 9.78
C GLU D 8 10.62 23.05 9.19
N VAL D 9 11.87 23.14 9.61
CA VAL D 9 12.87 22.23 9.09
C VAL D 9 12.75 21.15 10.13
N VAL D 10 12.54 19.91 9.74
CA VAL D 10 12.51 18.81 10.68
C VAL D 10 13.18 17.63 10.01
N PRO D 11 14.37 17.26 10.48
CA PRO D 11 15.15 16.18 9.88
C PRO D 11 14.60 14.81 10.28
N LEU D 12 13.69 14.28 9.46
CA LEU D 12 12.99 13.04 9.73
C LEU D 12 13.84 11.85 10.10
N LYS D 13 14.95 11.55 9.41
CA LYS D 13 15.69 10.36 9.74
C LYS D 13 16.27 10.34 11.17
N GLU D 14 16.11 11.49 11.88
CA GLU D 14 16.54 11.59 13.28
C GLU D 14 15.43 11.11 14.23
N PHE D 15 14.19 11.19 13.74
CA PHE D 15 13.02 10.97 14.54
C PHE D 15 12.16 9.80 14.14
N VAL D 16 12.22 9.24 12.94
CA VAL D 16 11.31 8.13 12.64
C VAL D 16 12.10 6.91 12.20
N PRO D 17 11.65 5.66 12.31
CA PRO D 17 12.37 4.51 11.78
C PRO D 17 12.44 4.63 10.25
N GLU D 18 13.17 3.75 9.58
CA GLU D 18 13.23 3.68 8.12
C GLU D 18 11.92 3.35 7.40
N TRP D 19 11.15 2.48 8.09
CA TRP D 19 9.79 2.04 7.67
C TRP D 19 8.83 2.55 8.73
N VAL D 20 7.81 3.22 8.23
CA VAL D 20 6.78 3.82 9.09
C VAL D 20 5.36 3.49 8.61
N ARG D 21 4.35 3.83 9.40
CA ARG D 21 2.97 3.84 8.95
C ARG D 21 2.44 5.25 9.11
N ILE D 22 1.61 5.74 8.21
CA ILE D 22 1.07 7.09 8.35
C ILE D 22 -0.43 7.01 8.68
N GLY D 23 -1.03 8.01 9.27
CA GLY D 23 -2.44 7.91 9.54
C GLY D 23 -2.94 9.15 10.21
N PHE D 24 -4.20 9.12 10.63
CA PHE D 24 -4.87 10.21 11.32
C PHE D 24 -5.23 9.86 12.74
N SER D 25 -5.34 10.78 13.69
CA SER D 25 -5.94 10.44 14.96
C SER D 25 -6.88 11.61 15.29
N ALA D 26 -7.84 11.45 16.19
CA ALA D 26 -8.57 12.59 16.66
C ALA D 26 -9.01 12.11 18.02
N THR D 27 -9.02 12.99 19.02
CA THR D 27 -9.51 12.66 20.33
C THR D 27 -10.50 13.75 20.77
N THR D 28 -11.31 13.43 21.78
CA THR D 28 -12.11 14.39 22.48
C THR D 28 -11.87 14.02 23.96
N GLY D 29 -12.34 14.81 24.90
CA GLY D 29 -12.06 14.51 26.31
C GLY D 29 -13.26 15.04 27.04
N ALA D 30 -13.04 16.02 27.89
CA ALA D 30 -14.12 16.65 28.64
C ALA D 30 -14.96 17.46 27.65
N GLU D 31 -14.31 18.15 26.69
CA GLU D 31 -15.01 18.91 25.67
C GLU D 31 -14.93 18.05 24.39
N PHE D 32 -15.75 18.21 23.33
CA PHE D 32 -15.76 17.23 22.23
C PHE D 32 -16.24 17.78 20.88
N ALA D 33 -16.11 17.02 19.78
CA ALA D 33 -16.59 17.39 18.44
C ALA D 33 -16.43 16.18 17.55
N ALA D 34 -17.18 16.08 16.46
CA ALA D 34 -16.98 15.02 15.50
C ALA D 34 -15.83 15.48 14.65
N HIS D 35 -14.99 14.51 14.31
CA HIS D 35 -13.79 14.76 13.52
C HIS D 35 -13.85 13.83 12.33
N GLU D 36 -13.98 14.29 11.08
CA GLU D 36 -14.06 13.39 9.97
C GLU D 36 -13.11 13.76 8.91
N VAL D 37 -12.82 12.82 8.04
CA VAL D 37 -12.00 13.05 6.89
C VAL D 37 -12.87 12.69 5.67
N LEU D 38 -12.83 13.49 4.62
CA LEU D 38 -13.65 13.23 3.47
C LEU D 38 -12.84 12.69 2.31
N SER D 39 -11.53 12.90 2.26
CA SER D 39 -10.76 12.27 1.21
C SER D 39 -9.30 12.31 1.64
N TRP D 40 -8.41 11.49 1.08
CA TRP D 40 -7.00 11.53 1.46
C TRP D 40 -6.21 11.17 0.20
N TYR D 41 -5.09 11.81 -0.06
CA TYR D 41 -4.24 11.44 -1.17
C TYR D 41 -2.80 11.39 -0.55
N PHE D 42 -1.93 10.48 -1.00
CA PHE D 42 -0.58 10.40 -0.49
C PHE D 42 0.30 9.97 -1.63
N HIS D 43 1.55 10.40 -1.60
CA HIS D 43 2.54 9.90 -2.52
C HIS D 43 3.94 10.02 -1.87
N SER D 44 4.77 8.97 -1.76
CA SER D 44 6.11 9.14 -1.29
C SER D 44 6.96 8.50 -2.34
N GLU D 45 8.23 8.92 -2.28
CA GLU D 45 9.26 8.64 -3.27
C GLU D 45 10.62 8.67 -2.59
N LEU D 46 11.33 7.58 -2.61
CA LEU D 46 12.63 7.53 -2.00
C LEU D 46 13.55 7.20 -3.14
N ALA D 47 14.58 8.03 -3.36
CA ALA D 47 15.62 7.79 -4.33
C ALA D 47 16.31 6.48 -4.00
N GLY D 48 16.96 6.32 -2.81
CA GLY D 48 17.77 5.11 -2.58
C GLY D 48 18.69 4.77 -3.80
N THR D 49 19.17 5.86 -4.41
CA THR D 49 19.99 5.91 -5.61
C THR D 49 20.57 7.33 -5.45
N SER D 50 19.79 8.43 -5.64
CA SER D 50 20.31 9.78 -5.66
C SER D 50 20.17 10.49 -4.32
N SER D 51 19.02 11.06 -3.96
CA SER D 51 18.81 11.87 -2.75
C SER D 51 17.35 12.33 -2.80
N ASN D 52 17.01 12.77 -4.01
CA ASN D 52 15.64 12.94 -4.40
C ASN D 52 15.52 11.77 -5.40
#